data_2VJ8
#
_entry.id   2VJ8
#
_cell.length_a   67.770
_cell.length_b   132.470
_cell.length_c   83.700
_cell.angle_alpha   90.00
_cell.angle_beta   90.00
_cell.angle_gamma   90.00
#
_symmetry.space_group_name_H-M   'P 21 21 2'
#
loop_
_entity.id
_entity.type
_entity.pdbx_description
1 polymer 'LTA4H PROTEIN'
2 non-polymer 'ZINC ION'
3 non-polymer 'YTTERBIUM (III) ION'
4 non-polymer IMIDAZOLE
5 non-polymer 'ACETATE ION'
6 non-polymer '6-[{(2S)-2-AMINO-3-[4-(BENZYLOXY)PHENYL]PROPYL}(HYDROXY)AMINO]-6-OXOHEXANOIC ACID)'
7 water water
#
_entity_poly.entity_id   1
_entity_poly.type   'polypeptide(L)'
_entity_poly.pdbx_seq_one_letter_code
;MPEIVDTCSLASPASVCRTKHLHLRCSVDFTRRTLTGTAALTVQSQEDNLRSLVLDTKDLTIEKVVINGQEVKYALGERQ
SYKGSPMEISLPIALSKNQEIVIEISFETSPKSSALQWLTPEQTSGKEHPYLFSQCQAIHCRAILPCQDTPSVKLTYTAE
VSVPKELVALMSAIRDGETPDPEDPSRKIYKFIQKVPIPCYLIALVVGALESRQIGPRTLVWSEKEQVEKSAYEFSETES
MLKIAEDLGGPYVWGQYDLLVLPPSFPYGGMENPCLTFVTPTLLAGDKSLSNVIAHEISHSWTGNLVTNKTWDHFWLNEG
HTVYLERHICGRLFGEKFRHFNALGGWGELQNSVKTFGETHPFTKLVVDLTDIDPDVAYSSVPYEKGFALLFYLEQLLGG
PEIFLGFLKAYVEKFSYKSITTDDWKDFLYSYFKDKVDVLNQVDWNAWLYSPGLPPIKPNYDMTLTNACIALSQRWITAK
EDDLNSFNATDLKDLSSHQLNEFLAQTLQRAPLPLGHIKRMQEVYNFNAINNSEIRFRWLRLCIQSKWEDAIPLALKMAT
EQGRMKFTRPLFKDLAAFDKSHDQAVRTYQEHKASMHPVTAMLVGKDLKVD
;
_entity_poly.pdbx_strand_id   A
#
loop_
_chem_comp.id
_chem_comp.type
_chem_comp.name
_chem_comp.formula
ACT non-polymer 'ACETATE ION' 'C2 H3 O2 -1'
HA2 non-polymer '6-[{(2S)-2-AMINO-3-[4-(BENZYLOXY)PHENYL]PROPYL}(HYDROXY)AMINO]-6-OXOHEXANOIC ACID)' 'C22 H28 N2 O5'
IMD non-polymer IMIDAZOLE 'C3 H5 N2 1'
YB non-polymer 'YTTERBIUM (III) ION' 'Yb 3'
ZN non-polymer 'ZINC ION' 'Zn 2'
#
# COMPACT_ATOMS: atom_id res chain seq x y z
N PRO A 2 -27.43 3.54 10.89
CA PRO A 2 -27.11 4.49 12.00
C PRO A 2 -25.79 5.22 11.77
N GLU A 3 -24.89 5.11 12.74
CA GLU A 3 -23.59 5.75 12.63
C GLU A 3 -22.51 4.74 12.33
N ILE A 4 -21.83 4.93 11.21
CA ILE A 4 -20.76 4.03 10.83
C ILE A 4 -19.67 4.24 11.88
N VAL A 5 -19.18 3.14 12.45
CA VAL A 5 -18.16 3.21 13.48
C VAL A 5 -16.81 2.75 12.95
N ASP A 6 -15.75 3.48 13.26
CA ASP A 6 -14.42 3.04 12.84
C ASP A 6 -13.96 2.15 13.97
N THR A 7 -14.08 0.84 13.77
CA THR A 7 -13.71 -0.11 14.81
C THR A 7 -12.19 -0.31 14.94
N CYS A 8 -11.40 0.46 14.19
CA CYS A 8 -9.96 0.31 14.34
C CYS A 8 -9.39 1.49 15.14
N SER A 9 -10.25 2.43 15.52
CA SER A 9 -9.75 3.62 16.23
C SER A 9 -10.32 3.75 17.63
N LEU A 10 -9.51 4.30 18.54
CA LEU A 10 -10.00 4.47 19.91
C LEU A 10 -10.26 5.95 20.16
N ALA A 11 -10.06 6.75 19.14
CA ALA A 11 -10.23 8.19 19.25
C ALA A 11 -11.69 8.62 19.18
N SER A 12 -11.93 9.86 19.60
CA SER A 12 -13.29 10.41 19.52
C SER A 12 -13.65 10.34 18.04
N PRO A 13 -14.89 9.92 17.73
CA PRO A 13 -15.30 9.84 16.33
C PRO A 13 -15.57 11.19 15.69
N ALA A 14 -15.56 11.20 14.36
CA ALA A 14 -15.78 12.39 13.53
C ALA A 14 -17.13 13.06 13.88
N SER A 15 -18.04 12.30 14.45
CA SER A 15 -19.33 12.88 14.82
C SER A 15 -19.24 13.69 16.13
N VAL A 16 -18.10 13.59 16.84
CA VAL A 16 -17.88 14.31 18.10
C VAL A 16 -16.96 15.52 17.88
N CYS A 17 -15.83 15.30 17.24
CA CYS A 17 -14.88 16.35 16.94
C CYS A 17 -14.08 15.90 15.76
N ARG A 18 -13.46 16.86 15.09
CA ARG A 18 -12.67 16.59 13.91
C ARG A 18 -11.44 17.44 13.89
N THR A 19 -10.31 16.79 13.60
CA THR A 19 -9.03 17.48 13.51
C THR A 19 -9.03 18.15 12.15
N LYS A 20 -8.72 19.44 12.12
CA LYS A 20 -8.70 20.18 10.88
C LYS A 20 -7.30 20.48 10.37
N HIS A 21 -6.36 20.61 11.30
CA HIS A 21 -4.98 20.89 10.92
C HIS A 21 -3.99 20.30 11.92
N LEU A 22 -2.80 20.02 11.43
CA LEU A 22 -1.72 19.49 12.26
C LEU A 22 -0.48 20.32 12.01
N HIS A 23 0.13 20.82 13.07
CA HIS A 23 1.39 21.56 12.88
C HIS A 23 2.39 20.70 13.62
N LEU A 24 3.34 20.17 12.87
CA LEU A 24 4.35 19.28 13.42
C LEU A 24 5.74 19.87 13.43
N ARG A 25 6.35 19.83 14.61
CA ARG A 25 7.70 20.31 14.83
C ARG A 25 8.38 19.15 15.58
N CYS A 26 9.37 18.56 14.95
CA CYS A 26 10.07 17.45 15.56
C CYS A 26 11.48 17.33 15.06
N SER A 27 12.24 16.49 15.75
CA SER A 27 13.62 16.28 15.38
C SER A 27 13.84 14.77 15.34
N VAL A 28 14.61 14.36 14.35
CA VAL A 28 14.93 12.97 14.13
C VAL A 28 16.29 12.68 14.72
N ASP A 29 16.30 11.77 15.69
CA ASP A 29 17.55 11.38 16.34
C ASP A 29 17.84 9.90 16.08
N PHE A 30 18.77 9.66 15.16
CA PHE A 30 19.21 8.32 14.79
C PHE A 30 20.00 7.63 15.90
N THR A 31 20.66 8.41 16.75
CA THR A 31 21.39 7.82 17.85
C THR A 31 20.45 7.19 18.87
N ARG A 32 19.29 7.82 19.12
CA ARG A 32 18.34 7.24 20.07
C ARG A 32 17.10 6.61 19.39
N ARG A 33 17.07 6.64 18.06
CA ARG A 33 15.97 6.10 17.25
C ARG A 33 14.65 6.71 17.71
N THR A 34 14.64 8.03 17.84
CA THR A 34 13.46 8.75 18.27
C THR A 34 13.13 9.92 17.38
N LEU A 35 11.85 10.24 17.35
CA LEU A 35 11.36 11.43 16.66
C LEU A 35 10.77 12.13 17.89
N THR A 36 11.18 13.36 18.13
CA THR A 36 10.69 14.08 19.29
C THR A 36 10.23 15.44 18.79
N GLY A 37 9.15 15.92 19.39
CA GLY A 37 8.62 17.22 19.01
C GLY A 37 7.25 17.51 19.57
N THR A 38 6.52 18.37 18.89
CA THR A 38 5.18 18.70 19.33
C THR A 38 4.22 18.56 18.15
N ALA A 39 3.02 18.11 18.47
CA ALA A 39 2.01 17.97 17.46
C ALA A 39 0.92 18.98 17.83
N ALA A 40 0.76 20.02 17.01
CA ALA A 40 -0.27 21.06 17.25
C ALA A 40 -1.48 20.72 16.39
N LEU A 41 -2.51 20.21 17.05
CA LEU A 41 -3.76 19.81 16.44
C LEU A 41 -4.84 20.86 16.60
N THR A 42 -5.40 21.29 15.48
CA THR A 42 -6.50 22.24 15.50
C THR A 42 -7.69 21.32 15.41
N VAL A 43 -8.51 21.29 16.47
CA VAL A 43 -9.68 20.43 16.55
C VAL A 43 -11.01 21.20 16.57
N GLN A 44 -11.97 20.69 15.81
CA GLN A 44 -13.29 21.31 15.73
C GLN A 44 -14.39 20.47 16.36
N SER A 45 -15.09 21.04 17.34
CA SER A 45 -16.13 20.28 17.97
C SER A 45 -17.30 20.14 17.02
N GLN A 46 -18.07 19.08 17.19
CA GLN A 46 -19.25 18.82 16.37
C GLN A 46 -20.49 18.76 17.24
N GLU A 47 -20.29 19.02 18.52
CA GLU A 47 -21.39 18.97 19.46
C GLU A 47 -21.27 20.12 20.43
N ASP A 48 -22.33 20.38 21.18
CA ASP A 48 -22.27 21.45 22.13
C ASP A 48 -21.68 20.89 23.40
N ASN A 49 -21.03 21.75 24.17
CA ASN A 49 -20.47 21.36 25.46
C ASN A 49 -19.43 20.24 25.42
N LEU A 50 -18.51 20.33 24.48
CA LEU A 50 -17.49 19.31 24.39
C LEU A 50 -16.43 19.70 25.41
N ARG A 51 -16.22 18.83 26.38
CA ARG A 51 -15.28 19.09 27.46
C ARG A 51 -13.99 18.28 27.41
N SER A 52 -13.97 17.21 26.60
CA SER A 52 -12.77 16.39 26.49
C SER A 52 -12.84 15.55 25.23
N LEU A 53 -11.68 15.10 24.76
CA LEU A 53 -11.65 14.26 23.58
C LEU A 53 -10.62 13.14 23.76
N VAL A 54 -10.73 12.09 22.95
CA VAL A 54 -9.81 10.96 23.05
C VAL A 54 -9.01 10.89 21.74
N LEU A 55 -7.71 10.65 21.84
CA LEU A 55 -6.88 10.54 20.64
C LEU A 55 -6.26 9.13 20.69
N ASP A 56 -5.78 8.65 19.53
CA ASP A 56 -5.12 7.34 19.43
C ASP A 56 -3.64 7.56 19.63
N THR A 57 -2.96 6.60 20.26
CA THR A 57 -1.51 6.69 20.42
C THR A 57 -1.07 5.22 20.50
N LYS A 58 0.17 4.96 20.15
CA LYS A 58 0.72 3.60 20.23
C LYS A 58 2.22 3.70 20.56
N ASP A 59 2.56 3.30 21.79
CA ASP A 59 3.94 3.35 22.27
C ASP A 59 4.52 4.73 22.18
N LEU A 60 3.72 5.72 22.56
CA LEU A 60 4.18 7.07 22.51
C LEU A 60 4.48 7.54 23.92
N THR A 61 5.56 8.32 24.06
CA THR A 61 5.90 8.92 25.34
C THR A 61 5.33 10.34 25.24
N ILE A 62 4.38 10.65 26.13
CA ILE A 62 3.74 11.97 26.18
C ILE A 62 4.30 12.77 27.35
N GLU A 63 5.00 13.86 27.06
CA GLU A 63 5.58 14.70 28.11
C GLU A 63 4.52 15.64 28.70
N LYS A 64 3.77 16.29 27.82
CA LYS A 64 2.73 17.22 28.26
C LYS A 64 1.82 17.63 27.11
N VAL A 65 0.67 18.21 27.46
CA VAL A 65 -0.27 18.70 26.47
C VAL A 65 -0.60 20.14 26.90
N VAL A 66 -0.32 21.07 26.00
CA VAL A 66 -0.56 22.49 26.26
C VAL A 66 -1.74 23.02 25.46
N ILE A 67 -2.66 23.71 26.13
CA ILE A 67 -3.79 24.34 25.45
C ILE A 67 -3.70 25.81 25.90
N ASN A 68 -3.66 26.72 24.93
CA ASN A 68 -3.54 28.16 25.21
C ASN A 68 -2.45 28.40 26.25
N GLY A 69 -1.22 28.08 25.85
CA GLY A 69 -0.07 28.29 26.71
C GLY A 69 -0.02 27.58 28.04
N GLN A 70 -1.08 26.92 28.45
CA GLN A 70 -1.07 26.22 29.74
C GLN A 70 -1.09 24.73 29.54
N GLU A 71 -0.59 24.02 30.54
CA GLU A 71 -0.57 22.56 30.52
C GLU A 71 -1.92 22.08 31.01
N VAL A 72 -2.46 21.05 30.37
CA VAL A 72 -3.75 20.53 30.78
C VAL A 72 -3.67 19.07 31.23
N LYS A 73 -4.77 18.58 31.77
CA LYS A 73 -4.87 17.22 32.27
C LYS A 73 -5.12 16.26 31.10
N TYR A 74 -4.55 15.06 31.22
CA TYR A 74 -4.72 14.02 30.22
C TYR A 74 -4.39 12.70 30.87
N ALA A 75 -5.03 11.65 30.38
CA ALA A 75 -4.82 10.33 30.89
C ALA A 75 -4.64 9.35 29.72
N LEU A 76 -3.86 8.31 29.96
CA LEU A 76 -3.60 7.27 28.97
C LEU A 76 -4.25 6.00 29.43
N GLY A 77 -5.16 5.46 28.63
CA GLY A 77 -5.79 4.24 29.03
C GLY A 77 -4.81 3.10 28.80
N GLU A 78 -5.22 1.91 29.22
CA GLU A 78 -4.38 0.76 29.06
C GLU A 78 -4.36 0.38 27.59
N ARG A 79 -3.29 -0.28 27.19
CA ARG A 79 -3.18 -0.68 25.80
C ARG A 79 -4.22 -1.70 25.36
N GLN A 80 -4.72 -1.50 24.15
CA GLN A 80 -5.69 -2.41 23.59
C GLN A 80 -5.04 -3.08 22.38
N SER A 81 -4.11 -3.97 22.67
CA SER A 81 -3.42 -4.73 21.64
C SER A 81 -2.88 -3.88 20.48
N TYR A 82 -3.23 -4.26 19.26
CA TYR A 82 -2.72 -3.56 18.08
C TYR A 82 -3.32 -2.15 17.90
N LYS A 83 -4.35 -1.85 18.66
CA LYS A 83 -4.98 -0.52 18.57
C LYS A 83 -4.24 0.58 19.32
N GLY A 84 -3.33 0.19 20.21
CA GLY A 84 -2.60 1.18 20.99
C GLY A 84 -3.38 1.51 22.26
N SER A 85 -3.09 2.69 22.82
CA SER A 85 -3.69 3.19 24.04
C SER A 85 -4.40 4.50 23.79
N PRO A 86 -5.61 4.64 24.31
CA PRO A 86 -6.40 5.86 24.15
C PRO A 86 -5.83 6.98 25.03
N MET A 87 -5.82 8.20 24.51
CA MET A 87 -5.33 9.36 25.24
C MET A 87 -6.47 10.38 25.42
N GLU A 88 -6.99 10.49 26.63
CA GLU A 88 -8.09 11.43 26.90
C GLU A 88 -7.50 12.75 27.35
N ILE A 89 -7.91 13.84 26.68
CA ILE A 89 -7.42 15.19 26.98
C ILE A 89 -8.58 16.07 27.49
N SER A 90 -8.38 16.74 28.62
CA SER A 90 -9.42 17.62 29.20
C SER A 90 -9.29 19.03 28.63
N LEU A 91 -10.39 19.56 28.09
CA LEU A 91 -10.37 20.90 27.50
C LEU A 91 -10.62 21.90 28.63
N PRO A 92 -9.83 22.97 28.69
CA PRO A 92 -10.02 23.96 29.74
C PRO A 92 -11.35 24.73 29.58
N ILE A 93 -12.00 24.56 28.44
CA ILE A 93 -13.28 25.23 28.15
C ILE A 93 -14.20 24.32 27.32
N ALA A 94 -15.49 24.32 27.62
CA ALA A 94 -16.43 23.49 26.89
C ALA A 94 -16.67 24.09 25.53
N LEU A 95 -16.48 23.28 24.49
CA LEU A 95 -16.68 23.74 23.13
C LEU A 95 -18.09 23.44 22.69
N SER A 96 -18.58 24.28 21.79
CA SER A 96 -19.90 24.09 21.27
C SER A 96 -19.70 23.80 19.79
N LYS A 97 -20.77 23.41 19.12
CA LYS A 97 -20.66 23.09 17.72
C LYS A 97 -19.85 24.08 16.91
N ASN A 98 -18.92 23.53 16.12
CA ASN A 98 -18.03 24.25 15.22
C ASN A 98 -16.96 25.12 15.85
N GLN A 99 -16.90 25.15 17.17
CA GLN A 99 -15.86 25.93 17.85
C GLN A 99 -14.58 25.12 17.76
N GLU A 100 -13.47 25.82 17.58
CA GLU A 100 -12.16 25.19 17.44
C GLU A 100 -11.21 25.50 18.61
N ILE A 101 -10.21 24.64 18.77
CA ILE A 101 -9.21 24.79 19.83
C ILE A 101 -7.95 24.10 19.34
N VAL A 102 -6.79 24.59 19.75
CA VAL A 102 -5.54 23.95 19.34
C VAL A 102 -4.93 23.27 20.56
N ILE A 103 -4.57 22.00 20.39
CA ILE A 103 -4.01 21.20 21.47
C ILE A 103 -2.58 20.88 21.05
N GLU A 104 -1.60 21.24 21.88
CA GLU A 104 -0.22 20.97 21.52
C GLU A 104 0.27 19.84 22.41
N ILE A 105 0.72 18.77 21.78
CA ILE A 105 1.19 17.60 22.53
C ILE A 105 2.67 17.40 22.27
N SER A 106 3.44 17.34 23.36
CA SER A 106 4.89 17.12 23.30
C SER A 106 5.01 15.61 23.44
N PHE A 107 5.63 14.98 22.46
CA PHE A 107 5.71 13.54 22.51
C PHE A 107 7.05 13.08 22.01
N GLU A 108 7.28 11.78 22.17
CA GLU A 108 8.51 11.12 21.74
C GLU A 108 8.10 9.70 21.32
N THR A 109 8.54 9.30 20.14
CA THR A 109 8.21 7.98 19.63
C THR A 109 9.15 6.96 20.23
N SER A 110 8.71 5.71 20.20
CA SER A 110 9.50 4.57 20.68
C SER A 110 10.36 4.00 19.55
N PRO A 111 11.55 3.50 19.90
CA PRO A 111 12.39 2.94 18.83
C PRO A 111 11.62 1.78 18.18
N LYS A 112 10.70 1.17 18.93
CA LYS A 112 9.92 0.04 18.40
C LYS A 112 8.61 0.46 17.72
N SER A 113 8.49 1.74 17.44
CA SER A 113 7.30 2.29 16.75
C SER A 113 6.96 1.37 15.55
N SER A 114 5.72 0.89 15.46
CA SER A 114 5.34 0.04 14.35
C SER A 114 5.21 0.78 13.03
N ALA A 115 5.16 2.11 13.09
CA ALA A 115 5.07 2.94 11.89
C ALA A 115 6.45 3.20 11.23
N LEU A 116 7.52 2.97 11.99
CA LEU A 116 8.84 3.29 11.50
C LEU A 116 9.84 2.15 11.37
N GLN A 117 10.74 2.30 10.43
CA GLN A 117 11.83 1.36 10.38
C GLN A 117 13.11 2.23 10.38
N TRP A 118 13.96 1.98 11.35
CA TRP A 118 15.24 2.68 11.51
C TRP A 118 16.30 1.74 11.00
N LEU A 119 17.01 2.16 9.98
CA LEU A 119 18.06 1.35 9.40
C LEU A 119 19.44 1.81 9.80
N THR A 120 20.31 0.88 10.16
CA THR A 120 21.69 1.23 10.52
C THR A 120 22.33 1.48 9.17
N PRO A 121 23.49 2.17 9.12
CA PRO A 121 24.14 2.41 7.84
C PRO A 121 24.43 1.11 7.08
N GLU A 122 24.74 0.04 7.82
CA GLU A 122 25.03 -1.27 7.22
C GLU A 122 23.86 -1.76 6.35
N GLN A 123 22.65 -1.31 6.70
CA GLN A 123 21.43 -1.71 6.00
C GLN A 123 21.11 -0.88 4.77
N THR A 124 21.92 0.11 4.48
CA THR A 124 21.64 0.98 3.32
C THR A 124 22.56 0.70 2.16
N SER A 125 22.30 1.35 1.04
CA SER A 125 23.12 1.15 -0.15
C SER A 125 24.52 1.73 0.05
N GLY A 126 24.56 2.93 0.65
CA GLY A 126 25.82 3.63 0.88
C GLY A 126 26.70 3.20 2.03
N LYS A 127 26.13 2.51 3.02
CA LYS A 127 26.92 2.02 4.15
C LYS A 127 27.52 3.09 5.06
N GLU A 128 27.30 4.37 4.73
CA GLU A 128 27.87 5.44 5.56
C GLU A 128 26.89 6.24 6.40
N HIS A 129 25.60 6.11 6.11
CA HIS A 129 24.60 6.85 6.87
C HIS A 129 23.37 6.01 7.25
N PRO A 130 22.69 6.38 8.34
CA PRO A 130 21.50 5.61 8.70
C PRO A 130 20.34 6.04 7.78
N TYR A 131 19.16 5.52 8.00
CA TYR A 131 18.04 5.86 7.12
C TYR A 131 16.78 5.61 7.90
N LEU A 132 15.75 6.40 7.63
CA LEU A 132 14.50 6.20 8.34
C LEU A 132 13.32 6.38 7.39
N PHE A 133 12.29 5.55 7.55
CA PHE A 133 11.08 5.76 6.76
C PHE A 133 9.88 5.28 7.52
N SER A 134 8.75 5.93 7.26
CA SER A 134 7.50 5.59 7.90
C SER A 134 6.57 4.92 6.91
N GLN A 135 5.53 4.31 7.47
CA GLN A 135 4.49 3.62 6.74
C GLN A 135 3.33 3.63 7.73
N CYS A 136 2.42 4.58 7.58
CA CYS A 136 1.30 4.69 8.50
C CYS A 136 0.08 3.88 8.14
N GLN A 137 -0.19 3.67 6.87
CA GLN A 137 -1.41 2.94 6.55
C GLN A 137 -1.23 1.50 7.04
N ALA A 138 -2.25 0.91 7.65
CA ALA A 138 -3.56 1.56 7.89
C ALA A 138 -3.63 2.36 9.15
N ILE A 139 -3.21 1.77 10.27
CA ILE A 139 -3.32 2.47 11.52
C ILE A 139 -2.03 2.62 12.31
N HIS A 140 -0.99 3.07 11.65
CA HIS A 140 0.25 3.24 12.38
C HIS A 140 0.56 4.70 12.60
N CYS A 141 -0.29 5.60 12.11
CA CYS A 141 0.05 7.00 12.35
C CYS A 141 0.09 7.25 13.85
N ARG A 142 -0.79 6.58 14.58
CA ARG A 142 -0.85 6.70 16.02
C ARG A 142 0.48 6.26 16.68
N ALA A 143 1.35 5.60 15.92
CA ALA A 143 2.63 5.17 16.48
C ALA A 143 3.68 6.23 16.21
N ILE A 144 3.29 7.35 15.61
CA ILE A 144 4.25 8.41 15.38
C ILE A 144 3.82 9.64 16.19
N LEU A 145 2.52 9.92 16.18
CA LEU A 145 2.00 11.08 16.94
C LEU A 145 0.55 10.84 17.37
N PRO A 146 0.07 11.57 18.40
CA PRO A 146 -1.30 11.36 18.84
C PRO A 146 -2.24 11.97 17.79
N CYS A 147 -3.32 11.25 17.49
CA CYS A 147 -4.26 11.71 16.46
C CYS A 147 -5.55 10.89 16.44
N GLN A 148 -6.52 11.38 15.66
CA GLN A 148 -7.76 10.63 15.50
C GLN A 148 -7.30 9.76 14.33
N ASP A 149 -6.77 8.59 14.63
CA ASP A 149 -6.20 7.76 13.57
C ASP A 149 -7.29 6.96 12.85
N THR A 150 -8.08 7.68 12.07
CA THR A 150 -9.19 7.10 11.30
C THR A 150 -9.27 7.84 9.98
N PRO A 151 -9.61 7.13 8.88
CA PRO A 151 -9.70 7.76 7.56
C PRO A 151 -10.94 8.63 7.39
N SER A 152 -11.80 8.63 8.39
CA SER A 152 -13.04 9.44 8.37
C SER A 152 -12.78 10.91 8.67
N VAL A 153 -11.55 11.20 9.06
CA VAL A 153 -11.16 12.56 9.41
C VAL A 153 -10.06 13.03 8.47
N LYS A 154 -10.21 14.22 7.90
CA LYS A 154 -9.19 14.75 7.00
C LYS A 154 -8.69 16.08 7.47
N LEU A 155 -7.38 16.24 7.48
CA LEU A 155 -6.77 17.48 7.95
C LEU A 155 -5.66 17.95 7.02
N THR A 156 -5.31 19.22 7.13
CA THR A 156 -4.22 19.77 6.38
C THR A 156 -3.03 19.69 7.36
N TYR A 157 -1.83 19.94 6.89
CA TYR A 157 -0.68 19.95 7.77
C TYR A 157 0.53 20.70 7.25
N THR A 158 1.28 21.19 8.22
CA THR A 158 2.54 21.88 7.98
C THR A 158 3.53 21.16 8.90
N ALA A 159 4.78 21.02 8.46
CA ALA A 159 5.77 20.35 9.29
C ALA A 159 7.17 20.97 9.17
N GLU A 160 7.91 20.89 10.26
CA GLU A 160 9.29 21.38 10.31
C GLU A 160 10.08 20.24 10.91
N VAL A 161 11.03 19.71 10.15
CA VAL A 161 11.80 18.59 10.69
C VAL A 161 13.31 18.83 10.61
N SER A 162 13.94 18.72 11.77
CA SER A 162 15.37 18.93 11.96
C SER A 162 16.06 17.58 11.91
N VAL A 163 17.03 17.47 11.02
CA VAL A 163 17.74 16.23 10.84
C VAL A 163 19.24 16.51 10.76
N PRO A 164 20.08 15.45 10.91
CA PRO A 164 21.53 15.63 10.80
C PRO A 164 21.72 16.34 9.49
N LYS A 165 22.47 17.43 9.51
CA LYS A 165 22.67 18.23 8.31
C LYS A 165 23.15 17.49 7.08
N GLU A 166 23.72 16.31 7.27
CA GLU A 166 24.22 15.55 6.14
C GLU A 166 23.12 14.74 5.47
N LEU A 167 21.94 14.74 6.08
CA LEU A 167 20.83 13.98 5.53
C LEU A 167 19.68 14.83 4.99
N VAL A 168 18.82 14.19 4.21
CA VAL A 168 17.66 14.85 3.61
C VAL A 168 16.36 14.30 4.21
N ALA A 169 15.39 15.18 4.40
CA ALA A 169 14.10 14.78 4.93
C ALA A 169 13.10 15.11 3.84
N LEU A 170 12.12 14.23 3.67
CA LEU A 170 11.06 14.43 2.67
C LEU A 170 9.75 13.97 3.31
N MET A 171 8.65 14.62 2.94
CA MET A 171 7.34 14.26 3.47
C MET A 171 6.23 14.22 2.44
N SER A 172 5.04 13.78 2.85
CA SER A 172 3.94 13.72 1.90
C SER A 172 3.35 15.16 1.83
N ALA A 173 4.15 16.08 1.36
CA ALA A 173 3.74 17.48 1.31
C ALA A 173 4.67 18.21 0.34
N ILE A 174 4.36 19.47 0.07
CA ILE A 174 5.18 20.28 -0.83
C ILE A 174 6.39 20.77 -0.06
N ARG A 175 7.57 20.66 -0.67
CA ARG A 175 8.79 21.09 -0.01
C ARG A 175 8.69 22.59 0.17
N ASP A 176 8.92 23.04 1.41
CA ASP A 176 8.84 24.45 1.76
C ASP A 176 10.19 25.02 2.21
N GLY A 177 11.27 24.56 1.58
CA GLY A 177 12.59 25.07 1.93
C GLY A 177 13.30 24.43 3.12
N GLU A 178 14.59 24.72 3.23
CA GLU A 178 15.43 24.19 4.30
C GLU A 178 16.37 25.29 4.80
N THR A 179 16.86 25.13 6.04
CA THR A 179 17.77 26.10 6.63
C THR A 179 18.51 25.44 7.79
N PRO A 180 19.60 26.08 8.26
CA PRO A 180 20.32 25.47 9.37
C PRO A 180 19.45 25.55 10.62
N ASP A 181 19.50 24.51 11.45
CA ASP A 181 18.74 24.45 12.69
C ASP A 181 19.38 25.47 13.63
N PRO A 182 18.85 26.70 13.66
CA PRO A 182 19.40 27.76 14.51
C PRO A 182 19.60 27.32 15.96
N GLU A 183 18.67 26.51 16.45
CA GLU A 183 18.71 26.01 17.82
C GLU A 183 20.07 25.37 18.11
N ASP A 184 20.42 24.34 17.34
CA ASP A 184 21.68 23.64 17.52
C ASP A 184 22.23 23.17 16.18
N PRO A 185 23.30 23.83 15.69
CA PRO A 185 23.90 23.46 14.40
C PRO A 185 24.20 21.98 14.29
N SER A 186 24.76 21.58 13.15
CA SER A 186 25.07 20.18 12.85
C SER A 186 23.78 19.54 12.33
N ARG A 187 22.65 20.12 12.72
CA ARG A 187 21.32 19.65 12.30
C ARG A 187 20.78 20.70 11.32
N LYS A 188 19.88 20.27 10.44
CA LYS A 188 19.27 21.12 9.44
C LYS A 188 17.76 20.97 9.56
N ILE A 189 17.00 22.01 9.22
CA ILE A 189 15.55 21.92 9.33
C ILE A 189 14.85 22.04 7.98
N TYR A 190 14.00 21.04 7.72
CA TYR A 190 13.26 20.97 6.47
C TYR A 190 11.81 21.27 6.73
N LYS A 191 11.25 22.13 5.88
CA LYS A 191 9.85 22.54 6.01
C LYS A 191 8.95 21.98 4.91
N PHE A 192 7.73 21.66 5.33
CA PHE A 192 6.73 21.06 4.45
C PHE A 192 5.34 21.63 4.63
N ILE A 193 4.61 21.69 3.53
CA ILE A 193 3.23 22.17 3.58
C ILE A 193 2.26 21.32 2.75
N GLN A 194 1.19 20.87 3.38
CA GLN A 194 0.17 20.08 2.69
C GLN A 194 -1.15 20.80 2.87
N LYS A 195 -1.54 21.54 1.84
CA LYS A 195 -2.77 22.34 1.84
C LYS A 195 -4.05 21.57 1.50
N VAL A 196 -3.93 20.33 1.03
CA VAL A 196 -5.11 19.54 0.70
C VAL A 196 -5.41 18.68 1.91
N PRO A 197 -6.67 18.68 2.39
CA PRO A 197 -6.95 17.87 3.57
C PRO A 197 -6.77 16.38 3.26
N ILE A 198 -6.11 15.68 4.16
CA ILE A 198 -5.84 14.27 3.97
C ILE A 198 -6.08 13.48 5.22
N PRO A 199 -6.38 12.19 5.07
CA PRO A 199 -6.60 11.31 6.21
C PRO A 199 -5.17 11.14 6.78
N CYS A 200 -5.04 10.96 8.10
CA CYS A 200 -3.69 10.86 8.68
C CYS A 200 -2.83 9.67 8.20
N TYR A 201 -3.44 8.63 7.61
CA TYR A 201 -2.60 7.51 7.15
C TYR A 201 -1.71 7.92 6.00
N LEU A 202 -1.96 9.10 5.42
CA LEU A 202 -1.17 9.61 4.31
C LEU A 202 -0.02 10.51 4.75
N ILE A 203 0.13 10.68 6.06
CA ILE A 203 1.25 11.46 6.61
C ILE A 203 2.44 10.52 6.49
N ALA A 204 3.52 11.00 5.87
CA ALA A 204 4.72 10.18 5.66
C ALA A 204 6.00 11.00 5.83
N LEU A 205 7.07 10.32 6.23
CA LEU A 205 8.37 10.96 6.44
C LEU A 205 9.48 9.99 6.12
N VAL A 206 10.53 10.50 5.47
CA VAL A 206 11.69 9.68 5.17
C VAL A 206 12.90 10.54 5.46
N VAL A 207 13.91 9.97 6.10
CA VAL A 207 15.14 10.72 6.35
C VAL A 207 16.35 9.87 5.98
N GLY A 208 17.21 10.43 5.12
CA GLY A 208 18.40 9.70 4.72
C GLY A 208 19.28 10.45 3.73
N ALA A 209 20.32 9.78 3.26
CA ALA A 209 21.25 10.38 2.31
C ALA A 209 20.60 10.28 0.94
N LEU A 210 19.69 11.20 0.64
CA LEU A 210 18.96 11.16 -0.62
C LEU A 210 19.47 12.09 -1.70
N GLU A 211 19.31 11.64 -2.94
CA GLU A 211 19.67 12.43 -4.11
C GLU A 211 18.45 12.33 -5.02
N SER A 212 18.30 13.30 -5.93
CA SER A 212 17.16 13.32 -6.82
C SER A 212 17.57 13.49 -8.27
N ARG A 213 16.65 13.19 -9.17
CA ARG A 213 16.90 13.36 -10.57
C ARG A 213 15.52 13.75 -11.06
N GLN A 214 15.43 14.84 -11.80
CA GLN A 214 14.12 15.24 -12.28
C GLN A 214 13.77 14.44 -13.52
N ILE A 215 12.57 13.85 -13.54
CA ILE A 215 12.17 13.07 -14.71
C ILE A 215 10.88 13.58 -15.34
N GLY A 216 10.35 14.67 -14.81
CA GLY A 216 9.12 15.22 -15.36
C GLY A 216 8.96 16.61 -14.84
N PRO A 217 8.06 17.43 -15.42
CA PRO A 217 7.92 18.80 -14.91
C PRO A 217 7.43 18.94 -13.47
N ARG A 218 6.80 17.90 -12.94
CA ARG A 218 6.34 17.95 -11.56
C ARG A 218 6.77 16.67 -10.86
N THR A 219 7.84 16.08 -11.38
CA THR A 219 8.35 14.84 -10.81
C THR A 219 9.86 14.72 -10.65
N LEU A 220 10.29 14.47 -9.41
CA LEU A 220 11.68 14.21 -9.14
C LEU A 220 11.68 12.77 -8.62
N VAL A 221 12.74 12.03 -8.89
CA VAL A 221 12.89 10.67 -8.37
C VAL A 221 13.95 10.77 -7.29
N TRP A 222 13.66 10.22 -6.11
CA TRP A 222 14.62 10.24 -5.01
C TRP A 222 14.98 8.81 -4.61
N SER A 223 16.23 8.65 -4.19
CA SER A 223 16.75 7.38 -3.72
C SER A 223 18.19 7.63 -3.29
N GLU A 224 18.87 6.63 -2.76
CA GLU A 224 20.26 6.83 -2.43
C GLU A 224 20.97 6.92 -3.79
N LYS A 225 22.17 7.51 -3.82
CA LYS A 225 22.92 7.67 -5.08
C LYS A 225 23.00 6.42 -5.93
N GLU A 226 23.20 5.29 -5.28
CA GLU A 226 23.36 4.03 -6.00
C GLU A 226 22.19 3.61 -6.88
N GLN A 227 21.01 4.14 -6.61
CA GLN A 227 19.81 3.74 -7.36
C GLN A 227 19.19 4.85 -8.22
N VAL A 228 19.70 6.07 -8.10
CA VAL A 228 19.14 7.20 -8.84
C VAL A 228 19.01 6.98 -10.34
N GLU A 229 20.12 6.66 -11.00
CA GLU A 229 20.11 6.43 -12.45
C GLU A 229 19.12 5.37 -12.90
N LYS A 230 19.17 4.18 -12.29
CA LYS A 230 18.27 3.08 -12.63
C LYS A 230 16.80 3.49 -12.40
N SER A 231 16.55 4.18 -11.28
CA SER A 231 15.20 4.63 -10.96
C SER A 231 14.75 5.67 -11.99
N ALA A 232 15.63 6.61 -12.30
CA ALA A 232 15.28 7.63 -13.29
C ALA A 232 14.90 6.92 -14.60
N TYR A 233 15.64 5.88 -14.94
CA TYR A 233 15.30 5.17 -16.17
C TYR A 233 13.95 4.41 -16.05
N GLU A 234 13.84 3.60 -15.01
CA GLU A 234 12.66 2.76 -14.78
C GLU A 234 11.31 3.46 -14.77
N PHE A 235 11.27 4.65 -14.19
CA PHE A 235 10.04 5.37 -14.05
C PHE A 235 9.88 6.54 -14.97
N SER A 236 10.55 6.47 -16.11
CA SER A 236 10.49 7.57 -17.07
C SER A 236 9.08 7.88 -17.58
N GLU A 237 8.22 6.88 -17.66
CA GLU A 237 6.87 7.06 -18.16
C GLU A 237 5.93 7.76 -17.19
N THR A 238 6.45 8.20 -16.04
CA THR A 238 5.59 8.82 -15.02
C THR A 238 4.74 10.00 -15.50
N GLU A 239 5.34 11.03 -16.07
CA GLU A 239 4.52 12.15 -16.53
C GLU A 239 3.43 11.74 -17.52
N SER A 240 3.74 10.85 -18.45
CA SER A 240 2.73 10.41 -19.41
C SER A 240 1.56 9.73 -18.71
N MET A 241 1.85 8.96 -17.67
CA MET A 241 0.78 8.29 -16.93
C MET A 241 -0.03 9.33 -16.15
N LEU A 242 0.62 10.33 -15.61
CA LEU A 242 -0.09 11.36 -14.86
C LEU A 242 -1.04 12.10 -15.81
N LYS A 243 -0.60 12.35 -17.05
CA LYS A 243 -1.49 13.07 -17.99
C LYS A 243 -2.71 12.23 -18.31
N ILE A 244 -2.54 10.92 -18.40
CA ILE A 244 -3.68 10.05 -18.71
C ILE A 244 -4.62 10.00 -17.53
N ALA A 245 -4.04 9.88 -16.35
CA ALA A 245 -4.85 9.85 -15.14
C ALA A 245 -5.67 11.14 -14.99
N GLU A 246 -5.10 12.29 -15.40
CA GLU A 246 -5.83 13.56 -15.30
C GLU A 246 -7.00 13.59 -16.25
N ASP A 247 -6.84 12.94 -17.39
CA ASP A 247 -7.88 12.85 -18.39
C ASP A 247 -9.00 11.95 -17.85
N LEU A 248 -8.60 10.93 -17.11
CA LEU A 248 -9.56 9.99 -16.56
C LEU A 248 -10.23 10.49 -15.28
N GLY A 249 -9.48 11.09 -14.38
CA GLY A 249 -10.10 11.50 -13.13
C GLY A 249 -10.30 12.97 -12.88
N GLY A 250 -9.89 13.81 -13.82
CA GLY A 250 -10.02 15.22 -13.58
C GLY A 250 -8.67 15.71 -13.15
N PRO A 251 -8.52 17.01 -12.92
CA PRO A 251 -7.24 17.60 -12.49
C PRO A 251 -6.51 16.97 -11.31
N TYR A 252 -5.19 16.93 -11.46
CA TYR A 252 -4.32 16.44 -10.40
C TYR A 252 -4.25 17.68 -9.53
N VAL A 253 -4.65 17.58 -8.26
CA VAL A 253 -4.67 18.74 -7.37
C VAL A 253 -3.53 18.90 -6.36
N TRP A 254 -2.65 17.91 -6.25
CA TRP A 254 -1.60 17.91 -5.26
C TRP A 254 -0.33 18.70 -5.56
N GLY A 255 -0.17 19.11 -6.80
CA GLY A 255 0.97 19.91 -7.20
C GLY A 255 2.10 19.10 -7.76
N GLN A 256 2.92 18.59 -6.85
CA GLN A 256 4.07 17.80 -7.21
C GLN A 256 3.71 16.33 -7.15
N TYR A 257 4.34 15.53 -8.02
CA TYR A 257 4.21 14.08 -7.98
C TYR A 257 5.64 13.54 -8.04
N ASP A 258 6.29 13.48 -6.88
CA ASP A 258 7.63 12.93 -6.80
C ASP A 258 7.53 11.46 -6.46
N LEU A 259 8.65 10.77 -6.65
CA LEU A 259 8.77 9.35 -6.35
C LEU A 259 9.97 9.14 -5.46
N LEU A 260 9.81 8.27 -4.47
CA LEU A 260 10.89 7.91 -3.56
C LEU A 260 11.11 6.39 -3.65
N VAL A 261 12.31 5.97 -4.02
CA VAL A 261 12.61 4.54 -4.11
C VAL A 261 13.27 4.20 -2.79
N LEU A 262 12.55 3.47 -1.95
CA LEU A 262 13.01 3.11 -0.61
C LEU A 262 13.96 1.93 -0.54
N PRO A 263 14.45 1.61 0.66
CA PRO A 263 15.35 0.46 0.78
C PRO A 263 14.51 -0.80 0.52
N PRO A 264 15.18 -1.94 0.24
CA PRO A 264 14.52 -3.22 -0.04
C PRO A 264 13.51 -3.68 0.99
N SER A 265 13.66 -3.26 2.23
CA SER A 265 12.70 -3.72 3.23
C SER A 265 11.36 -3.00 3.21
N PHE A 266 11.15 -2.07 2.28
CA PHE A 266 9.85 -1.39 2.26
C PHE A 266 8.81 -2.51 2.10
N PRO A 267 7.81 -2.57 3.00
CA PRO A 267 6.82 -3.64 2.89
C PRO A 267 5.82 -3.77 1.77
N TYR A 268 5.55 -2.71 1.01
CA TYR A 268 4.56 -2.79 -0.07
C TYR A 268 5.17 -2.42 -1.42
N GLY A 269 4.40 -2.63 -2.48
CA GLY A 269 4.87 -2.28 -3.81
C GLY A 269 5.05 -0.77 -3.85
N GLY A 270 4.20 -0.07 -3.11
CA GLY A 270 4.27 1.37 -3.08
C GLY A 270 3.33 1.87 -2.02
N MET A 271 3.30 3.18 -1.82
CA MET A 271 2.42 3.83 -0.87
C MET A 271 2.16 5.19 -1.49
N GLU A 272 0.89 5.43 -1.78
CA GLU A 272 0.41 6.66 -2.40
C GLU A 272 0.51 7.92 -1.53
N ASN A 273 1.64 8.11 -0.82
CA ASN A 273 1.75 9.30 0.04
C ASN A 273 1.61 10.51 -0.86
N PRO A 274 0.72 11.43 -0.51
CA PRO A 274 0.53 12.62 -1.36
C PRO A 274 1.80 13.43 -1.64
N CYS A 275 2.01 13.76 -2.92
CA CYS A 275 3.17 14.53 -3.37
C CYS A 275 4.45 13.73 -3.39
N LEU A 276 4.41 12.53 -2.81
CA LEU A 276 5.62 11.72 -2.72
C LEU A 276 5.29 10.22 -2.64
N THR A 277 5.04 9.62 -3.78
CA THR A 277 4.75 8.21 -3.79
C THR A 277 6.03 7.44 -3.37
N PHE A 278 5.85 6.42 -2.54
CA PHE A 278 6.95 5.55 -2.10
C PHE A 278 6.84 4.30 -2.96
N VAL A 279 7.97 3.78 -3.43
CA VAL A 279 7.90 2.54 -4.18
C VAL A 279 9.01 1.61 -3.75
N THR A 280 8.73 0.31 -3.89
CA THR A 280 9.73 -0.69 -3.56
C THR A 280 10.86 -0.72 -4.60
N PRO A 281 12.11 -1.01 -4.18
CA PRO A 281 13.15 -1.05 -5.22
C PRO A 281 13.03 -2.33 -6.05
N THR A 282 12.13 -3.22 -5.65
CA THR A 282 11.94 -4.44 -6.44
C THR A 282 11.27 -4.09 -7.79
N LEU A 283 10.84 -2.85 -7.97
CA LEU A 283 10.28 -2.48 -9.27
C LEU A 283 11.39 -2.22 -10.32
N LEU A 284 12.65 -2.17 -9.89
CA LEU A 284 13.76 -1.87 -10.83
C LEU A 284 14.19 -3.08 -11.63
N ALA A 285 13.33 -3.49 -12.58
CA ALA A 285 13.54 -4.66 -13.44
C ALA A 285 14.51 -4.36 -14.58
N GLY A 286 14.71 -3.08 -14.87
CA GLY A 286 15.60 -2.71 -15.94
C GLY A 286 14.95 -2.50 -17.28
N ASP A 287 13.64 -2.73 -17.40
CA ASP A 287 12.95 -2.56 -18.67
C ASP A 287 11.57 -1.87 -18.56
N LYS A 288 11.34 -1.24 -17.40
CA LYS A 288 10.10 -0.50 -17.12
C LYS A 288 8.87 -1.40 -17.09
N SER A 289 9.09 -2.72 -17.05
CA SER A 289 7.96 -3.66 -17.08
C SER A 289 7.04 -3.70 -15.86
N LEU A 290 7.51 -3.19 -14.73
CA LEU A 290 6.68 -3.21 -13.53
C LEU A 290 6.06 -1.83 -13.29
N SER A 291 5.92 -1.06 -14.35
CA SER A 291 5.39 0.30 -14.21
C SER A 291 3.92 0.37 -13.81
N ASN A 292 3.18 -0.75 -13.90
CA ASN A 292 1.78 -0.68 -13.51
C ASN A 292 1.70 -0.24 -12.06
N VAL A 293 2.73 -0.54 -11.26
CA VAL A 293 2.71 -0.14 -9.83
C VAL A 293 2.73 1.39 -9.76
N ILE A 294 3.48 2.04 -10.64
CA ILE A 294 3.48 3.52 -10.65
C ILE A 294 2.09 4.02 -11.08
N ALA A 295 1.49 3.41 -12.12
CA ALA A 295 0.16 3.81 -12.59
C ALA A 295 -0.82 3.67 -11.44
N HIS A 296 -0.63 2.60 -10.67
CA HIS A 296 -1.50 2.36 -9.51
C HIS A 296 -1.35 3.49 -8.46
N GLU A 297 -0.14 3.81 -8.03
CA GLU A 297 0.02 4.87 -7.00
C GLU A 297 -0.47 6.23 -7.52
N ILE A 298 -0.21 6.50 -8.79
CA ILE A 298 -0.71 7.75 -9.38
C ILE A 298 -2.25 7.80 -9.29
N SER A 299 -2.90 6.68 -9.61
CA SER A 299 -4.36 6.65 -9.59
C SER A 299 -4.91 6.95 -8.21
N HIS A 300 -4.20 6.54 -7.16
CA HIS A 300 -4.62 6.82 -5.80
C HIS A 300 -4.77 8.33 -5.54
N SER A 301 -4.11 9.17 -6.33
CA SER A 301 -4.25 10.63 -6.17
C SER A 301 -5.70 11.09 -6.33
N TRP A 302 -6.54 10.23 -6.92
CA TRP A 302 -7.97 10.53 -7.07
C TRP A 302 -8.72 9.53 -6.15
N THR A 303 -8.56 8.24 -6.42
CA THR A 303 -9.29 7.25 -5.63
C THR A 303 -8.49 6.75 -4.45
N GLY A 304 -8.83 7.29 -3.29
CA GLY A 304 -8.09 6.96 -2.09
C GLY A 304 -7.66 8.26 -1.44
N ASN A 305 -6.91 9.10 -2.16
CA ASN A 305 -6.42 10.36 -1.56
C ASN A 305 -7.43 11.51 -1.61
N LEU A 306 -8.26 11.56 -2.66
CA LEU A 306 -9.30 12.62 -2.78
C LEU A 306 -10.62 12.06 -2.25
N VAL A 307 -10.99 10.88 -2.75
CA VAL A 307 -12.20 10.19 -2.29
C VAL A 307 -11.64 9.08 -1.40
N THR A 308 -11.91 9.14 -0.11
CA THR A 308 -11.31 8.19 0.83
C THR A 308 -12.32 7.28 1.51
N ASN A 309 -11.93 6.02 1.79
CA ASN A 309 -12.85 5.13 2.48
C ASN A 309 -13.06 5.72 3.86
N LYS A 310 -14.29 5.68 4.35
CA LYS A 310 -14.60 6.29 5.65
C LYS A 310 -14.08 5.40 6.80
N THR A 311 -14.06 4.08 6.60
CA THR A 311 -13.46 3.21 7.62
C THR A 311 -12.78 2.13 6.77
N TRP A 312 -11.92 1.35 7.40
CA TRP A 312 -11.19 0.34 6.66
C TRP A 312 -12.10 -0.80 6.23
N ASP A 313 -13.32 -0.86 6.75
CA ASP A 313 -14.26 -1.91 6.33
C ASP A 313 -14.63 -1.72 4.82
N HIS A 314 -14.47 -0.49 4.34
CA HIS A 314 -14.81 -0.11 2.96
C HIS A 314 -13.56 0.13 2.13
N PHE A 315 -12.47 -0.55 2.50
CA PHE A 315 -11.19 -0.42 1.83
C PHE A 315 -11.26 -0.73 0.32
N TRP A 316 -12.20 -1.57 -0.08
CA TRP A 316 -12.31 -1.87 -1.49
C TRP A 316 -12.57 -0.61 -2.32
N LEU A 317 -13.22 0.38 -1.74
CA LEU A 317 -13.50 1.59 -2.48
C LEU A 317 -12.16 2.21 -2.90
N ASN A 318 -11.20 2.19 -1.98
CA ASN A 318 -9.89 2.74 -2.26
C ASN A 318 -9.17 1.90 -3.33
N GLU A 319 -9.17 0.59 -3.14
CA GLU A 319 -8.39 -0.24 -4.03
C GLU A 319 -9.04 -0.68 -5.31
N GLY A 320 -10.32 -1.00 -5.27
CA GLY A 320 -10.94 -1.43 -6.49
C GLY A 320 -10.92 -0.36 -7.56
N HIS A 321 -11.31 0.85 -7.18
CA HIS A 321 -11.34 1.93 -8.14
C HIS A 321 -9.94 2.29 -8.63
N THR A 322 -8.94 2.18 -7.76
CA THR A 322 -7.58 2.49 -8.12
C THR A 322 -7.05 1.44 -9.13
N VAL A 323 -7.36 0.15 -8.90
CA VAL A 323 -6.93 -0.86 -9.86
C VAL A 323 -7.66 -0.61 -11.18
N TYR A 324 -8.94 -0.23 -11.10
CA TYR A 324 -9.72 0.03 -12.30
C TYR A 324 -9.02 1.17 -13.09
N LEU A 325 -8.67 2.27 -12.42
CA LEU A 325 -7.99 3.40 -13.12
C LEU A 325 -6.63 2.97 -13.65
N GLU A 326 -5.87 2.29 -12.78
CA GLU A 326 -4.55 1.77 -13.11
C GLU A 326 -4.58 1.04 -14.44
N ARG A 327 -5.58 0.19 -14.57
CA ARG A 327 -5.65 -0.63 -15.78
C ARG A 327 -6.08 0.17 -16.99
N HIS A 328 -6.85 1.23 -16.78
CA HIS A 328 -7.21 2.08 -17.92
C HIS A 328 -5.97 2.86 -18.36
N ILE A 329 -5.14 3.31 -17.41
CA ILE A 329 -3.91 4.02 -17.79
C ILE A 329 -3.03 3.09 -18.63
N CYS A 330 -2.85 1.86 -18.16
CA CYS A 330 -2.01 0.94 -18.90
C CYS A 330 -2.66 0.60 -20.24
N GLY A 331 -3.99 0.57 -20.29
CA GLY A 331 -4.67 0.28 -21.53
C GLY A 331 -4.51 1.45 -22.50
N ARG A 332 -4.45 2.67 -21.99
CA ARG A 332 -4.27 3.83 -22.87
C ARG A 332 -2.84 3.79 -23.43
N LEU A 333 -1.87 3.41 -22.60
CA LEU A 333 -0.50 3.36 -23.06
C LEU A 333 -0.09 2.18 -23.91
N PHE A 334 -0.64 0.99 -23.64
CA PHE A 334 -0.21 -0.20 -24.35
C PHE A 334 -1.30 -0.94 -25.08
N GLY A 335 -2.53 -0.46 -24.98
CA GLY A 335 -3.62 -1.10 -25.71
C GLY A 335 -4.69 -1.73 -24.87
N GLU A 336 -5.92 -1.73 -25.40
CA GLU A 336 -7.07 -2.32 -24.74
C GLU A 336 -6.82 -3.80 -24.53
N LYS A 337 -6.13 -4.44 -25.46
CA LYS A 337 -5.85 -5.88 -25.29
C LYS A 337 -5.02 -6.12 -24.05
N PHE A 338 -4.08 -5.24 -23.80
CA PHE A 338 -3.26 -5.38 -22.59
C PHE A 338 -4.11 -5.12 -21.35
N ARG A 339 -5.06 -4.19 -21.43
CA ARG A 339 -5.91 -3.94 -20.28
C ARG A 339 -6.65 -5.21 -19.92
N HIS A 340 -7.19 -5.89 -20.93
CA HIS A 340 -7.92 -7.12 -20.69
C HIS A 340 -7.01 -8.25 -20.18
N PHE A 341 -5.79 -8.27 -20.68
CA PHE A 341 -4.82 -9.25 -20.25
C PHE A 341 -4.57 -9.02 -18.75
N ASN A 342 -4.37 -7.78 -18.35
CA ASN A 342 -4.15 -7.56 -16.94
C ASN A 342 -5.37 -7.84 -16.09
N ALA A 343 -6.53 -7.48 -16.59
CA ALA A 343 -7.79 -7.72 -15.90
C ALA A 343 -7.95 -9.21 -15.62
N LEU A 344 -7.63 -10.05 -16.61
CA LEU A 344 -7.82 -11.49 -16.44
C LEU A 344 -6.80 -12.06 -15.46
N GLY A 345 -5.58 -11.53 -15.49
CA GLY A 345 -4.57 -11.96 -14.56
C GLY A 345 -5.05 -11.61 -13.16
N GLY A 346 -5.71 -10.45 -13.01
CA GLY A 346 -6.26 -10.02 -11.71
C GLY A 346 -7.28 -11.02 -11.17
N TRP A 347 -8.11 -11.60 -12.05
CA TRP A 347 -9.14 -12.58 -11.67
C TRP A 347 -8.41 -13.81 -11.17
N GLY A 348 -7.28 -14.15 -11.82
CA GLY A 348 -6.49 -15.29 -11.35
C GLY A 348 -5.91 -15.07 -9.97
N GLU A 349 -5.48 -13.84 -9.68
CA GLU A 349 -4.95 -13.53 -8.35
C GLU A 349 -6.09 -13.62 -7.34
N LEU A 350 -7.29 -13.19 -7.74
CA LEU A 350 -8.48 -13.31 -6.84
C LEU A 350 -8.74 -14.82 -6.56
N GLN A 351 -8.69 -15.67 -7.58
CA GLN A 351 -8.87 -17.12 -7.37
C GLN A 351 -7.88 -17.62 -6.32
N ASN A 352 -6.63 -17.18 -6.46
CA ASN A 352 -5.60 -17.57 -5.53
C ASN A 352 -5.91 -17.15 -4.09
N SER A 353 -6.31 -15.89 -3.93
CA SER A 353 -6.62 -15.39 -2.58
C SER A 353 -7.80 -16.11 -1.98
N VAL A 354 -8.83 -16.34 -2.80
CA VAL A 354 -10.00 -17.06 -2.30
C VAL A 354 -9.59 -18.47 -1.88
N LYS A 355 -8.73 -19.11 -2.67
CA LYS A 355 -8.31 -20.45 -2.30
C LYS A 355 -7.49 -20.48 -1.03
N THR A 356 -6.60 -19.50 -0.88
CA THR A 356 -5.73 -19.41 0.30
C THR A 356 -6.55 -19.26 1.59
N PHE A 357 -7.44 -18.27 1.58
CA PHE A 357 -8.29 -18.01 2.74
C PHE A 357 -9.34 -19.06 2.93
N GLY A 358 -9.87 -19.55 1.81
CA GLY A 358 -10.99 -20.51 1.84
C GLY A 358 -12.24 -19.76 1.34
N GLU A 359 -13.11 -20.43 0.56
CA GLU A 359 -14.27 -19.75 -0.03
C GLU A 359 -15.36 -19.22 0.93
N THR A 360 -15.29 -19.64 2.20
CA THR A 360 -16.26 -19.15 3.16
C THR A 360 -15.61 -18.19 4.14
N HIS A 361 -14.36 -17.82 3.93
CA HIS A 361 -13.65 -16.94 4.85
C HIS A 361 -14.20 -15.51 4.77
N PRO A 362 -14.51 -14.91 5.93
CA PRO A 362 -15.05 -13.55 5.97
C PRO A 362 -14.15 -12.51 5.31
N PHE A 363 -12.85 -12.82 5.21
CA PHE A 363 -11.95 -11.88 4.58
C PHE A 363 -12.05 -11.88 3.06
N THR A 364 -12.86 -12.78 2.48
CA THR A 364 -13.04 -12.76 1.04
C THR A 364 -14.30 -11.94 0.66
N LYS A 365 -14.95 -11.33 1.64
CA LYS A 365 -16.09 -10.48 1.31
C LYS A 365 -15.53 -9.14 0.84
N LEU A 366 -16.28 -8.44 0.00
CA LEU A 366 -15.82 -7.15 -0.48
C LEU A 366 -15.92 -6.11 0.63
N VAL A 367 -17.02 -6.12 1.38
CA VAL A 367 -17.16 -5.20 2.50
C VAL A 367 -16.91 -6.11 3.73
N VAL A 368 -15.88 -5.79 4.51
CA VAL A 368 -15.54 -6.64 5.65
C VAL A 368 -15.88 -6.00 6.99
N ASP A 369 -15.78 -6.79 8.05
CA ASP A 369 -16.03 -6.26 9.40
C ASP A 369 -14.71 -6.47 10.15
N LEU A 370 -13.97 -5.40 10.38
CA LEU A 370 -12.69 -5.49 11.06
C LEU A 370 -12.74 -5.37 12.59
N THR A 371 -13.91 -5.50 13.18
CA THR A 371 -14.03 -5.43 14.64
C THR A 371 -13.09 -6.46 15.24
N ASP A 372 -12.17 -6.00 16.09
CA ASP A 372 -11.22 -6.87 16.75
C ASP A 372 -10.29 -7.61 15.80
N ILE A 373 -10.12 -7.09 14.60
CA ILE A 373 -9.19 -7.70 13.64
C ILE A 373 -8.11 -6.68 13.30
N ASP A 374 -6.83 -7.08 13.39
CA ASP A 374 -5.72 -6.17 13.06
C ASP A 374 -5.74 -6.03 11.53
N PRO A 375 -5.89 -4.79 11.00
CA PRO A 375 -5.92 -4.63 9.54
C PRO A 375 -4.76 -5.31 8.80
N ASP A 376 -3.57 -5.16 9.36
CA ASP A 376 -2.40 -5.80 8.74
C ASP A 376 -2.56 -7.29 8.55
N VAL A 377 -3.33 -7.92 9.42
CA VAL A 377 -3.55 -9.36 9.33
C VAL A 377 -4.59 -9.70 8.26
N ALA A 378 -5.55 -8.80 8.04
CA ALA A 378 -6.63 -9.06 7.06
C ALA A 378 -6.26 -8.71 5.63
N TYR A 379 -5.23 -7.90 5.47
CA TYR A 379 -4.79 -7.43 4.16
C TYR A 379 -4.59 -8.54 3.13
N SER A 380 -5.16 -8.36 1.93
CA SER A 380 -5.03 -9.34 0.86
C SER A 380 -5.39 -8.69 -0.45
N SER A 381 -5.35 -9.49 -1.52
CA SER A 381 -5.70 -9.04 -2.87
C SER A 381 -7.20 -8.96 -3.08
N VAL A 382 -7.98 -9.44 -2.13
CA VAL A 382 -9.43 -9.41 -2.32
C VAL A 382 -10.03 -8.02 -2.60
N PRO A 383 -9.72 -7.01 -1.75
CA PRO A 383 -10.35 -5.73 -2.09
C PRO A 383 -9.91 -5.15 -3.43
N TYR A 384 -8.71 -5.51 -3.85
CA TYR A 384 -8.21 -5.02 -5.12
C TYR A 384 -8.92 -5.70 -6.26
N GLU A 385 -8.92 -7.03 -6.20
CA GLU A 385 -9.44 -7.78 -7.32
C GLU A 385 -10.92 -8.09 -7.31
N LYS A 386 -11.53 -8.24 -6.14
CA LYS A 386 -12.96 -8.46 -6.25
C LYS A 386 -13.54 -7.07 -6.55
N GLY A 387 -12.88 -6.02 -6.04
CA GLY A 387 -13.42 -4.67 -6.28
C GLY A 387 -13.28 -4.34 -7.75
N PHE A 388 -12.10 -4.59 -8.30
CA PHE A 388 -11.91 -4.35 -9.72
C PHE A 388 -12.93 -5.16 -10.54
N ALA A 389 -13.11 -6.44 -10.20
CA ALA A 389 -14.07 -7.28 -10.94
C ALA A 389 -15.47 -6.69 -10.92
N LEU A 390 -15.90 -6.19 -9.76
CA LEU A 390 -17.23 -5.56 -9.69
C LEU A 390 -17.31 -4.36 -10.64
N LEU A 391 -16.31 -3.48 -10.60
CA LEU A 391 -16.32 -2.32 -11.49
C LEU A 391 -16.22 -2.70 -12.98
N PHE A 392 -15.48 -3.76 -13.28
CA PHE A 392 -15.29 -4.19 -14.68
C PHE A 392 -16.59 -4.79 -15.18
N TYR A 393 -17.26 -5.53 -14.29
CA TYR A 393 -18.55 -6.12 -14.63
C TYR A 393 -19.56 -4.99 -14.85
N LEU A 394 -19.60 -4.01 -13.96
CA LEU A 394 -20.54 -2.90 -14.15
C LEU A 394 -20.24 -2.16 -15.45
N GLU A 395 -18.96 -2.01 -15.77
CA GLU A 395 -18.56 -1.33 -17.01
C GLU A 395 -19.20 -2.03 -18.20
N GLN A 396 -19.12 -3.35 -18.22
CA GLN A 396 -19.69 -4.12 -19.33
C GLN A 396 -21.21 -4.09 -19.31
N LEU A 397 -21.79 -4.15 -18.12
CA LEU A 397 -23.23 -4.15 -18.00
C LEU A 397 -23.84 -2.79 -18.38
N LEU A 398 -23.15 -1.72 -18.06
CA LEU A 398 -23.69 -0.39 -18.30
C LEU A 398 -23.36 0.28 -19.60
N GLY A 399 -22.66 -0.41 -20.48
CA GLY A 399 -22.39 0.24 -21.76
C GLY A 399 -20.97 0.44 -22.23
N GLY A 400 -20.01 0.02 -21.41
CA GLY A 400 -18.63 0.15 -21.86
C GLY A 400 -17.81 1.14 -21.10
N PRO A 401 -16.50 1.12 -21.35
CA PRO A 401 -15.54 1.99 -20.68
C PRO A 401 -15.78 3.46 -20.75
N GLU A 402 -16.19 3.95 -21.91
CA GLU A 402 -16.40 5.39 -22.03
C GLU A 402 -17.53 5.82 -21.09
N ILE A 403 -18.62 5.07 -21.08
CA ILE A 403 -19.76 5.39 -20.24
C ILE A 403 -19.41 5.26 -18.78
N PHE A 404 -18.77 4.15 -18.43
CA PHE A 404 -18.40 3.96 -17.03
C PHE A 404 -17.33 4.95 -16.52
N LEU A 405 -16.42 5.35 -17.39
CA LEU A 405 -15.42 6.32 -17.00
C LEU A 405 -16.09 7.66 -16.70
N GLY A 406 -17.20 7.95 -17.38
CA GLY A 406 -17.95 9.18 -17.15
C GLY A 406 -18.45 9.15 -15.70
N PHE A 407 -18.89 7.98 -15.27
CA PHE A 407 -19.37 7.82 -13.90
C PHE A 407 -18.19 8.04 -12.93
N LEU A 408 -17.07 7.38 -13.21
CA LEU A 408 -15.87 7.48 -12.36
C LEU A 408 -15.45 8.93 -12.13
N LYS A 409 -15.44 9.71 -13.20
CA LYS A 409 -15.05 11.10 -13.05
C LYS A 409 -16.10 11.87 -12.24
N ALA A 410 -17.36 11.50 -12.40
CA ALA A 410 -18.41 12.23 -11.65
C ALA A 410 -18.35 11.85 -10.18
N TYR A 411 -18.01 10.59 -9.92
CA TYR A 411 -17.86 10.06 -8.57
C TYR A 411 -16.72 10.79 -7.84
N VAL A 412 -15.59 10.93 -8.52
CA VAL A 412 -14.45 11.59 -7.92
C VAL A 412 -14.81 13.01 -7.59
N GLU A 413 -15.42 13.72 -8.54
CA GLU A 413 -15.82 15.10 -8.31
C GLU A 413 -16.83 15.24 -7.16
N LYS A 414 -17.82 14.35 -7.14
CA LYS A 414 -18.84 14.39 -6.10
C LYS A 414 -18.30 14.21 -4.70
N PHE A 415 -17.35 13.28 -4.54
CA PHE A 415 -16.83 12.99 -3.22
C PHE A 415 -15.41 13.46 -2.94
N SER A 416 -14.89 14.33 -3.79
CA SER A 416 -13.54 14.86 -3.52
C SER A 416 -13.46 15.52 -2.13
N TYR A 417 -12.39 15.21 -1.42
CA TYR A 417 -12.09 15.69 -0.05
C TYR A 417 -13.01 15.12 1.00
N LYS A 418 -13.73 14.06 0.65
CA LYS A 418 -14.63 13.43 1.59
C LYS A 418 -14.20 11.98 1.86
N SER A 419 -14.78 11.40 2.90
CA SER A 419 -14.51 10.00 3.27
C SER A 419 -15.88 9.38 3.21
N ILE A 420 -16.01 8.30 2.46
CA ILE A 420 -17.30 7.69 2.23
C ILE A 420 -17.38 6.19 2.45
N THR A 421 -18.62 5.71 2.42
CA THR A 421 -18.88 4.29 2.59
C THR A 421 -19.37 3.71 1.26
N THR A 422 -19.42 2.38 1.24
CA THR A 422 -19.95 1.61 0.12
C THR A 422 -21.37 2.12 -0.21
N ASP A 423 -22.23 2.36 0.78
CA ASP A 423 -23.57 2.88 0.45
C ASP A 423 -23.50 4.24 -0.27
N ASP A 424 -22.57 5.11 0.12
CA ASP A 424 -22.45 6.41 -0.58
C ASP A 424 -22.13 6.16 -2.04
N TRP A 425 -21.20 5.23 -2.26
CA TRP A 425 -20.81 4.88 -3.62
C TRP A 425 -21.98 4.28 -4.43
N LYS A 426 -22.68 3.33 -3.83
CA LYS A 426 -23.77 2.67 -4.56
C LYS A 426 -24.96 3.63 -4.74
N ASP A 427 -25.23 4.48 -3.74
CA ASP A 427 -26.37 5.42 -3.86
C ASP A 427 -26.07 6.38 -5.02
N PHE A 428 -24.82 6.80 -5.16
CA PHE A 428 -24.46 7.72 -6.25
C PHE A 428 -24.49 6.99 -7.60
N LEU A 429 -24.06 5.75 -7.61
CA LEU A 429 -24.08 5.00 -8.86
C LEU A 429 -25.53 4.98 -9.39
N TYR A 430 -26.51 4.76 -8.51
CA TYR A 430 -27.90 4.74 -8.94
C TYR A 430 -28.36 6.13 -9.34
N SER A 431 -27.80 7.12 -8.69
CA SER A 431 -28.20 8.48 -9.00
C SER A 431 -27.63 8.85 -10.38
N TYR A 432 -26.38 8.48 -10.62
CA TYR A 432 -25.75 8.79 -11.92
C TYR A 432 -26.41 8.05 -13.08
N PHE A 433 -26.70 6.76 -12.84
CA PHE A 433 -27.32 5.90 -13.85
C PHE A 433 -28.82 5.82 -13.64
N LYS A 434 -29.41 6.97 -13.34
CA LYS A 434 -30.83 7.02 -13.12
C LYS A 434 -31.60 6.46 -14.30
N ASP A 435 -31.03 6.52 -15.51
CA ASP A 435 -31.77 6.00 -16.68
C ASP A 435 -31.54 4.52 -16.96
N LYS A 436 -30.84 3.86 -16.05
CA LYS A 436 -30.54 2.44 -16.20
C LYS A 436 -30.76 1.69 -14.90
N VAL A 437 -31.62 2.23 -14.06
CA VAL A 437 -31.93 1.61 -12.78
C VAL A 437 -32.34 0.17 -12.97
N ASP A 438 -33.10 -0.10 -14.04
CA ASP A 438 -33.51 -1.47 -14.31
C ASP A 438 -32.30 -2.37 -14.55
N VAL A 439 -31.28 -1.83 -15.22
CA VAL A 439 -30.06 -2.61 -15.46
C VAL A 439 -29.31 -2.78 -14.14
N LEU A 440 -29.18 -1.70 -13.38
CA LEU A 440 -28.51 -1.78 -12.09
C LEU A 440 -29.23 -2.76 -11.19
N ASN A 441 -30.55 -2.88 -11.33
CA ASN A 441 -31.28 -3.81 -10.46
C ASN A 441 -31.08 -5.27 -10.82
N GLN A 442 -30.34 -5.54 -11.89
CA GLN A 442 -30.05 -6.92 -12.29
C GLN A 442 -28.81 -7.41 -11.56
N VAL A 443 -28.11 -6.50 -10.91
CA VAL A 443 -26.89 -6.88 -10.22
C VAL A 443 -27.20 -7.58 -8.91
N ASP A 444 -26.52 -8.68 -8.63
CA ASP A 444 -26.74 -9.36 -7.36
C ASP A 444 -25.87 -8.60 -6.35
N TRP A 445 -26.32 -7.44 -5.90
CA TRP A 445 -25.55 -6.63 -4.97
C TRP A 445 -25.20 -7.35 -3.67
N ASN A 446 -26.15 -8.11 -3.11
CA ASN A 446 -25.89 -8.80 -1.85
C ASN A 446 -24.70 -9.74 -1.95
N ALA A 447 -24.63 -10.46 -3.06
CA ALA A 447 -23.56 -11.41 -3.22
C ALA A 447 -22.26 -10.67 -3.47
N TRP A 448 -22.30 -9.69 -4.36
CA TRP A 448 -21.07 -8.98 -4.68
C TRP A 448 -20.46 -8.26 -3.48
N LEU A 449 -21.31 -7.61 -2.69
CA LEU A 449 -20.81 -6.85 -1.56
C LEU A 449 -20.60 -7.63 -0.29
N TYR A 450 -21.46 -8.61 -0.04
CA TYR A 450 -21.41 -9.26 1.25
C TYR A 450 -21.15 -10.73 1.32
N SER A 451 -21.09 -11.40 0.17
CA SER A 451 -20.85 -12.83 0.21
C SER A 451 -19.38 -13.16 0.06
N PRO A 452 -18.95 -14.26 0.70
CA PRO A 452 -17.55 -14.63 0.58
C PRO A 452 -17.33 -15.36 -0.74
N GLY A 453 -16.06 -15.61 -1.03
CA GLY A 453 -15.71 -16.35 -2.20
C GLY A 453 -15.62 -15.58 -3.50
N LEU A 454 -15.62 -16.34 -4.58
CA LEU A 454 -15.57 -15.71 -5.90
C LEU A 454 -16.89 -14.99 -6.18
N PRO A 455 -16.83 -13.90 -6.97
CA PRO A 455 -17.99 -13.10 -7.36
C PRO A 455 -19.04 -13.99 -7.98
N PRO A 456 -20.32 -13.60 -7.91
CA PRO A 456 -21.42 -14.38 -8.48
C PRO A 456 -21.40 -14.49 -9.99
N ILE A 457 -20.68 -13.59 -10.65
CA ILE A 457 -20.58 -13.59 -12.11
C ILE A 457 -19.17 -13.14 -12.53
N LYS A 458 -18.65 -13.74 -13.60
CA LYS A 458 -17.33 -13.40 -14.07
C LYS A 458 -17.46 -12.48 -15.28
N PRO A 459 -16.71 -11.39 -15.32
CA PRO A 459 -16.80 -10.47 -16.47
C PRO A 459 -16.34 -11.22 -17.73
N ASN A 460 -16.46 -10.56 -18.86
CA ASN A 460 -15.98 -11.12 -20.15
C ASN A 460 -14.58 -10.52 -20.37
N TYR A 461 -13.64 -11.34 -20.85
CA TYR A 461 -12.29 -10.85 -21.05
C TYR A 461 -11.76 -11.21 -22.42
N ASP A 462 -11.08 -10.27 -23.05
CA ASP A 462 -10.45 -10.52 -24.33
C ASP A 462 -9.34 -11.53 -24.00
N MET A 463 -9.03 -12.43 -24.92
CA MET A 463 -8.05 -13.49 -24.66
C MET A 463 -6.78 -13.41 -25.48
N THR A 464 -6.72 -12.42 -26.36
CA THR A 464 -5.57 -12.27 -27.23
C THR A 464 -4.20 -12.59 -26.66
N LEU A 465 -3.78 -11.87 -25.61
CA LEU A 465 -2.46 -12.10 -25.04
C LEU A 465 -2.38 -13.28 -24.04
N THR A 466 -3.52 -13.70 -23.51
CA THR A 466 -3.55 -14.81 -22.56
C THR A 466 -3.43 -16.17 -23.20
N ASN A 467 -3.96 -16.31 -24.42
CA ASN A 467 -3.95 -17.60 -25.09
C ASN A 467 -2.59 -18.32 -25.13
N ALA A 468 -1.52 -17.61 -25.45
CA ALA A 468 -0.20 -18.24 -25.49
C ALA A 468 0.26 -18.70 -24.11
N CYS A 469 -0.16 -17.99 -23.07
CA CYS A 469 0.25 -18.36 -21.73
C CYS A 469 -0.46 -19.64 -21.36
N ILE A 470 -1.74 -19.73 -21.75
CA ILE A 470 -2.55 -20.92 -21.45
C ILE A 470 -1.99 -22.11 -22.17
N ALA A 471 -1.70 -21.94 -23.45
CA ALA A 471 -1.15 -23.06 -24.19
C ALA A 471 0.12 -23.61 -23.55
N LEU A 472 1.04 -22.71 -23.19
CA LEU A 472 2.31 -23.15 -22.64
C LEU A 472 2.13 -23.74 -21.24
N SER A 473 1.37 -23.05 -20.39
CA SER A 473 1.16 -23.61 -19.07
C SER A 473 0.47 -24.99 -19.14
N GLN A 474 -0.56 -25.13 -19.98
CA GLN A 474 -1.22 -26.42 -20.06
C GLN A 474 -0.23 -27.47 -20.58
N ARG A 475 0.64 -27.12 -21.52
CA ARG A 475 1.62 -28.12 -21.99
C ARG A 475 2.52 -28.63 -20.86
N TRP A 476 2.96 -27.75 -19.98
CA TRP A 476 3.78 -28.20 -18.87
C TRP A 476 2.98 -28.98 -17.82
N ILE A 477 1.79 -28.52 -17.53
CA ILE A 477 0.98 -29.17 -16.51
C ILE A 477 0.63 -30.60 -16.91
N THR A 478 0.43 -30.81 -18.20
CA THR A 478 0.08 -32.14 -18.67
C THR A 478 1.21 -32.90 -19.34
N ALA A 479 2.43 -32.35 -19.31
CA ALA A 479 3.57 -32.98 -19.94
C ALA A 479 3.90 -34.33 -19.38
N LYS A 480 4.35 -35.22 -20.25
CA LYS A 480 4.77 -36.55 -19.84
C LYS A 480 6.23 -36.69 -20.29
N GLU A 481 6.84 -37.80 -19.93
CA GLU A 481 8.24 -38.02 -20.25
C GLU A 481 8.57 -37.75 -21.70
N ASP A 482 7.73 -38.19 -22.65
CA ASP A 482 8.07 -37.96 -24.06
C ASP A 482 7.90 -36.51 -24.55
N ASP A 483 7.51 -35.58 -23.68
CA ASP A 483 7.35 -34.17 -24.09
C ASP A 483 8.52 -33.31 -23.60
N LEU A 484 9.28 -33.81 -22.62
CA LEU A 484 10.34 -32.98 -22.04
C LEU A 484 11.41 -32.49 -23.00
N ASN A 485 11.85 -33.37 -23.91
CA ASN A 485 12.92 -33.02 -24.86
C ASN A 485 12.49 -32.00 -25.90
N SER A 486 11.19 -31.87 -26.11
CA SER A 486 10.70 -30.93 -27.10
C SER A 486 10.55 -29.49 -26.58
N PHE A 487 10.45 -29.29 -25.26
CA PHE A 487 10.35 -27.91 -24.80
C PHE A 487 11.68 -27.32 -25.20
N ASN A 488 11.68 -26.02 -25.48
CA ASN A 488 12.88 -25.37 -25.96
C ASN A 488 12.77 -23.89 -25.70
N ALA A 489 13.91 -23.24 -25.55
CA ALA A 489 13.96 -21.82 -25.30
C ALA A 489 13.13 -21.10 -26.35
N THR A 490 12.97 -21.71 -27.53
CA THR A 490 12.19 -21.07 -28.56
C THR A 490 10.73 -20.89 -28.18
N ASP A 491 10.25 -21.62 -27.17
CA ASP A 491 8.86 -21.48 -26.73
C ASP A 491 8.53 -20.08 -26.21
N LEU A 492 9.56 -19.36 -25.75
CA LEU A 492 9.40 -18.05 -25.16
C LEU A 492 9.58 -16.94 -26.18
N LYS A 493 9.86 -17.34 -27.42
CA LYS A 493 10.15 -16.39 -28.51
C LYS A 493 9.30 -15.12 -28.60
N ASP A 494 8.00 -15.27 -28.60
CA ASP A 494 7.17 -14.08 -28.75
C ASP A 494 6.40 -13.74 -27.50
N LEU A 495 7.01 -14.01 -26.34
CA LEU A 495 6.31 -13.73 -25.10
C LEU A 495 6.97 -12.57 -24.40
N SER A 496 6.14 -11.62 -23.95
CA SER A 496 6.64 -10.48 -23.20
C SER A 496 6.93 -10.97 -21.78
N SER A 497 7.60 -10.15 -20.99
CA SER A 497 7.86 -10.53 -19.63
C SER A 497 6.51 -10.69 -18.94
N HIS A 498 5.51 -9.87 -19.34
CA HIS A 498 4.17 -9.94 -18.76
C HIS A 498 3.58 -11.32 -18.96
N GLN A 499 3.79 -11.86 -20.16
CA GLN A 499 3.29 -13.19 -20.49
C GLN A 499 4.05 -14.30 -19.81
N LEU A 500 5.36 -14.14 -19.60
CA LEU A 500 6.16 -15.16 -18.90
C LEU A 500 5.66 -15.23 -17.45
N ASN A 501 5.35 -14.07 -16.90
CA ASN A 501 4.85 -14.00 -15.53
C ASN A 501 3.49 -14.71 -15.43
N GLU A 502 2.62 -14.48 -16.42
CA GLU A 502 1.28 -15.07 -16.42
C GLU A 502 1.38 -16.58 -16.62
N PHE A 503 2.32 -16.99 -17.47
CA PHE A 503 2.56 -18.40 -17.70
C PHE A 503 2.91 -19.07 -16.36
N LEU A 504 3.80 -18.44 -15.62
CA LEU A 504 4.23 -18.98 -14.34
C LEU A 504 3.11 -18.97 -13.34
N ALA A 505 2.29 -17.91 -13.36
CA ALA A 505 1.17 -17.83 -12.43
C ALA A 505 0.21 -18.96 -12.72
N GLN A 506 -0.04 -19.24 -14.00
CA GLN A 506 -0.97 -20.31 -14.31
C GLN A 506 -0.40 -21.65 -13.91
N THR A 507 0.89 -21.82 -14.15
CA THR A 507 1.55 -23.08 -13.79
C THR A 507 1.60 -23.25 -12.28
N LEU A 508 1.83 -22.16 -11.57
CA LEU A 508 1.89 -22.25 -10.11
C LEU A 508 0.53 -22.67 -9.53
N GLN A 509 -0.56 -22.30 -10.17
CA GLN A 509 -1.88 -22.71 -9.64
C GLN A 509 -2.05 -24.22 -9.59
N ARG A 510 -1.24 -24.92 -10.37
CA ARG A 510 -1.30 -26.38 -10.47
C ARG A 510 -0.11 -27.08 -9.83
N ALA A 511 0.66 -26.35 -9.03
CA ALA A 511 1.81 -26.95 -8.40
C ALA A 511 1.35 -27.94 -7.34
N PRO A 512 2.19 -28.92 -7.01
CA PRO A 512 3.55 -29.11 -7.55
C PRO A 512 3.54 -29.74 -8.92
N LEU A 513 4.62 -29.52 -9.65
CA LEU A 513 4.87 -30.16 -10.93
C LEU A 513 5.92 -31.20 -10.54
N PRO A 514 6.08 -32.27 -11.34
CA PRO A 514 7.10 -33.27 -11.01
C PRO A 514 8.48 -32.59 -10.96
N LEU A 515 9.36 -33.07 -10.08
CA LEU A 515 10.68 -32.46 -9.95
C LEU A 515 11.45 -32.44 -11.28
N GLY A 516 11.38 -33.54 -12.04
CA GLY A 516 12.05 -33.60 -13.32
C GLY A 516 11.53 -32.55 -14.30
N HIS A 517 10.24 -32.24 -14.19
CA HIS A 517 9.66 -31.23 -15.09
C HIS A 517 10.21 -29.85 -14.74
N ILE A 518 10.36 -29.55 -13.45
CA ILE A 518 10.87 -28.23 -13.09
C ILE A 518 12.34 -28.10 -13.42
N LYS A 519 13.10 -29.17 -13.23
CA LYS A 519 14.50 -29.13 -13.61
C LYS A 519 14.60 -28.84 -15.11
N ARG A 520 13.73 -29.47 -15.90
CA ARG A 520 13.75 -29.29 -17.35
C ARG A 520 13.36 -27.85 -17.71
N MET A 521 12.43 -27.28 -16.95
CA MET A 521 12.03 -25.91 -17.24
C MET A 521 13.21 -24.95 -17.10
N GLN A 522 14.04 -25.14 -16.09
CA GLN A 522 15.21 -24.29 -15.89
C GLN A 522 16.19 -24.56 -17.03
N GLU A 523 16.35 -25.83 -17.42
CA GLU A 523 17.27 -26.15 -18.52
C GLU A 523 16.89 -25.46 -19.81
N VAL A 524 15.60 -25.46 -20.15
CA VAL A 524 15.19 -24.79 -21.39
C VAL A 524 14.88 -23.31 -21.30
N TYR A 525 14.38 -22.81 -20.17
CA TYR A 525 14.04 -21.38 -20.12
C TYR A 525 14.97 -20.52 -19.32
N ASN A 526 15.79 -21.14 -18.47
CA ASN A 526 16.77 -20.41 -17.66
C ASN A 526 16.10 -19.28 -16.87
N PHE A 527 15.02 -19.62 -16.18
CA PHE A 527 14.35 -18.64 -15.35
C PHE A 527 15.20 -18.23 -14.16
N ASN A 528 16.19 -19.02 -13.76
CA ASN A 528 17.03 -18.60 -12.63
C ASN A 528 17.75 -17.28 -12.97
N ALA A 529 17.94 -17.03 -14.27
CA ALA A 529 18.68 -15.84 -14.68
C ALA A 529 17.83 -14.59 -14.75
N ILE A 530 16.52 -14.72 -14.62
CA ILE A 530 15.68 -13.52 -14.71
C ILE A 530 15.65 -12.73 -13.43
N ASN A 531 15.89 -11.43 -13.47
CA ASN A 531 15.85 -10.73 -12.19
C ASN A 531 14.59 -9.94 -11.87
N ASN A 532 13.66 -9.90 -12.83
CA ASN A 532 12.34 -9.25 -12.71
C ASN A 532 11.76 -9.92 -11.45
N SER A 533 11.43 -9.13 -10.42
CA SER A 533 10.98 -9.71 -9.18
C SER A 533 9.70 -10.52 -9.19
N GLU A 534 8.76 -10.12 -10.03
CA GLU A 534 7.47 -10.81 -10.11
C GLU A 534 7.69 -12.17 -10.69
N ILE A 535 8.49 -12.22 -11.75
CA ILE A 535 8.74 -13.51 -12.37
C ILE A 535 9.59 -14.37 -11.44
N ARG A 536 10.65 -13.81 -10.87
CA ARG A 536 11.50 -14.63 -10.00
C ARG A 536 10.71 -15.18 -8.83
N PHE A 537 9.89 -14.34 -8.23
CA PHE A 537 9.03 -14.74 -7.13
C PHE A 537 8.20 -15.98 -7.48
N ARG A 538 7.44 -15.91 -8.58
CA ARG A 538 6.59 -17.04 -8.97
C ARG A 538 7.39 -18.28 -9.35
N TRP A 539 8.49 -18.08 -10.07
CA TRP A 539 9.35 -19.19 -10.42
C TRP A 539 9.91 -19.85 -9.15
N LEU A 540 10.44 -19.08 -8.19
CA LEU A 540 10.99 -19.73 -7.01
C LEU A 540 9.90 -20.46 -6.23
N ARG A 541 8.70 -19.88 -6.15
CA ARG A 541 7.60 -20.56 -5.47
C ARG A 541 7.32 -21.90 -6.13
N LEU A 542 7.26 -21.90 -7.45
CA LEU A 542 7.00 -23.13 -8.18
C LEU A 542 8.08 -24.16 -7.92
N CYS A 543 9.33 -23.71 -7.81
CA CYS A 543 10.43 -24.63 -7.57
C CYS A 543 10.34 -25.22 -6.16
N ILE A 544 10.04 -24.37 -5.19
CA ILE A 544 9.99 -24.82 -3.81
C ILE A 544 8.78 -25.74 -3.62
N GLN A 545 7.64 -25.35 -4.19
CA GLN A 545 6.44 -26.16 -4.07
C GLN A 545 6.60 -27.48 -4.79
N SER A 546 7.51 -27.51 -5.77
CA SER A 546 7.74 -28.74 -6.52
C SER A 546 8.90 -29.55 -5.92
N LYS A 547 9.37 -29.12 -4.75
CA LYS A 547 10.41 -29.82 -4.00
C LYS A 547 11.81 -29.84 -4.56
N TRP A 548 12.24 -28.77 -5.21
CA TRP A 548 13.60 -28.73 -5.74
C TRP A 548 14.50 -28.14 -4.69
N GLU A 549 15.37 -28.95 -4.11
CA GLU A 549 16.24 -28.44 -3.07
C GLU A 549 17.20 -27.40 -3.58
N ASP A 550 17.56 -27.45 -4.85
CA ASP A 550 18.49 -26.47 -5.34
C ASP A 550 17.96 -25.06 -5.24
N ALA A 551 16.64 -24.95 -5.20
CA ALA A 551 16.02 -23.63 -5.16
C ALA A 551 15.96 -23.03 -3.76
N ILE A 552 16.25 -23.83 -2.72
CA ILE A 552 16.17 -23.34 -1.34
C ILE A 552 17.04 -22.11 -1.07
N PRO A 553 18.32 -22.16 -1.43
CA PRO A 553 19.11 -20.96 -1.16
C PRO A 553 18.62 -19.77 -1.97
N LEU A 554 18.13 -20.01 -3.19
CA LEU A 554 17.64 -18.86 -3.99
C LEU A 554 16.42 -18.22 -3.33
N ALA A 555 15.54 -19.06 -2.79
CA ALA A 555 14.32 -18.56 -2.18
C ALA A 555 14.61 -17.87 -0.87
N LEU A 556 15.52 -18.43 -0.09
CA LEU A 556 15.85 -17.82 1.19
C LEU A 556 16.50 -16.47 0.94
N LYS A 557 17.32 -16.40 -0.12
CA LYS A 557 18.00 -15.17 -0.49
C LYS A 557 17.00 -14.08 -0.88
N MET A 558 16.07 -14.44 -1.74
CA MET A 558 15.11 -13.46 -2.19
C MET A 558 14.20 -13.00 -1.04
N ALA A 559 13.84 -13.94 -0.17
CA ALA A 559 12.96 -13.61 0.95
C ALA A 559 13.58 -12.68 1.97
N THR A 560 14.92 -12.66 2.05
CA THR A 560 15.59 -11.84 3.04
C THR A 560 16.31 -10.63 2.50
N GLU A 561 16.70 -10.66 1.23
CA GLU A 561 17.42 -9.52 0.64
C GLU A 561 16.48 -8.37 0.27
N GLN A 562 15.19 -8.64 0.25
CA GLN A 562 14.19 -7.58 0.03
C GLN A 562 13.07 -7.94 0.99
N GLY A 563 12.18 -6.98 1.29
CA GLY A 563 11.14 -7.27 2.25
C GLY A 563 9.72 -6.91 1.81
N ARG A 564 9.47 -6.86 0.51
CA ARG A 564 8.13 -6.57 0.03
C ARG A 564 7.31 -7.79 0.50
N MET A 565 6.26 -7.54 1.29
CA MET A 565 5.53 -8.65 1.85
C MET A 565 4.88 -9.57 0.84
N LYS A 566 4.51 -9.01 -0.31
CA LYS A 566 3.90 -9.78 -1.40
C LYS A 566 4.83 -10.96 -1.76
N PHE A 567 6.13 -10.75 -1.62
CA PHE A 567 7.13 -11.77 -1.95
C PHE A 567 7.63 -12.50 -0.73
N THR A 568 8.03 -11.73 0.25
CA THR A 568 8.61 -12.30 1.45
C THR A 568 7.70 -13.23 2.21
N ARG A 569 6.44 -12.85 2.43
CA ARG A 569 5.56 -13.73 3.18
C ARG A 569 5.34 -15.09 2.50
N PRO A 570 4.97 -15.11 1.21
CA PRO A 570 4.77 -16.42 0.54
C PRO A 570 6.02 -17.26 0.40
N LEU A 571 7.17 -16.60 0.24
CA LEU A 571 8.42 -17.37 0.12
C LEU A 571 8.75 -18.10 1.45
N PHE A 572 8.64 -17.38 2.57
CA PHE A 572 8.90 -18.01 3.85
C PHE A 572 7.86 -19.08 4.08
N LYS A 573 6.62 -18.80 3.68
CA LYS A 573 5.59 -19.79 3.90
C LYS A 573 5.84 -21.05 3.06
N ASP A 574 6.28 -20.89 1.82
CA ASP A 574 6.57 -22.11 1.03
C ASP A 574 7.78 -22.85 1.61
N LEU A 575 8.80 -22.11 2.02
CA LEU A 575 10.00 -22.73 2.59
C LEU A 575 9.69 -23.48 3.89
N ALA A 576 8.77 -22.95 4.67
CA ALA A 576 8.37 -23.61 5.90
C ALA A 576 7.59 -24.89 5.59
N ALA A 577 6.87 -24.91 4.46
CA ALA A 577 6.07 -26.07 4.09
C ALA A 577 6.87 -27.17 3.41
N PHE A 578 8.09 -26.86 2.96
CA PHE A 578 8.96 -27.84 2.32
C PHE A 578 9.79 -28.43 3.47
N ASP A 579 9.69 -29.75 3.66
CA ASP A 579 10.38 -30.39 4.78
C ASP A 579 11.87 -30.16 4.79
N LYS A 580 12.46 -30.19 3.60
CA LYS A 580 13.88 -30.00 3.44
C LYS A 580 14.38 -28.62 3.87
N SER A 581 13.55 -27.59 3.72
CA SER A 581 13.99 -26.24 4.09
C SER A 581 13.35 -25.66 5.36
N HIS A 582 12.44 -26.39 5.98
CA HIS A 582 11.71 -25.86 7.14
C HIS A 582 12.57 -25.28 8.29
N ASP A 583 13.49 -26.08 8.83
CA ASP A 583 14.33 -25.62 9.90
C ASP A 583 15.17 -24.42 9.47
N GLN A 584 15.70 -24.46 8.26
CA GLN A 584 16.51 -23.34 7.80
C GLN A 584 15.64 -22.07 7.65
N ALA A 585 14.39 -22.22 7.23
CA ALA A 585 13.48 -21.07 7.05
C ALA A 585 13.23 -20.40 8.41
N VAL A 586 12.91 -21.22 9.41
CA VAL A 586 12.66 -20.70 10.76
C VAL A 586 13.93 -20.04 11.33
N ARG A 587 15.07 -20.72 11.23
CA ARG A 587 16.29 -20.12 11.72
C ARG A 587 16.64 -18.82 11.00
N THR A 588 16.41 -18.77 9.69
CA THR A 588 16.73 -17.57 8.93
C THR A 588 15.85 -16.42 9.41
N TYR A 589 14.57 -16.69 9.62
CA TYR A 589 13.69 -15.63 10.10
C TYR A 589 14.14 -15.17 11.50
N GLN A 590 14.45 -16.10 12.38
CA GLN A 590 14.86 -15.74 13.72
C GLN A 590 16.11 -14.87 13.68
N GLU A 591 17.03 -15.21 12.79
CA GLU A 591 18.28 -14.47 12.64
C GLU A 591 18.10 -13.09 12.04
N HIS A 592 17.06 -12.93 11.23
CA HIS A 592 16.80 -11.66 10.57
C HIS A 592 15.72 -10.80 11.17
N LYS A 593 14.90 -11.35 12.06
CA LYS A 593 13.78 -10.53 12.49
C LYS A 593 14.09 -9.19 13.14
N ALA A 594 15.20 -9.12 13.87
CA ALA A 594 15.56 -7.88 14.53
C ALA A 594 15.86 -6.79 13.51
N SER A 595 16.25 -7.19 12.32
CA SER A 595 16.59 -6.19 11.33
C SER A 595 15.49 -5.94 10.31
N MET A 596 14.38 -6.65 10.43
CA MET A 596 13.27 -6.50 9.48
C MET A 596 12.34 -5.32 9.81
N HIS A 597 11.47 -4.99 8.88
CA HIS A 597 10.49 -3.95 9.13
C HIS A 597 9.58 -4.57 10.22
N PRO A 598 9.13 -3.76 11.21
CA PRO A 598 8.28 -4.25 12.29
C PRO A 598 7.01 -4.97 11.93
N VAL A 599 6.31 -4.51 10.89
CA VAL A 599 5.07 -5.19 10.53
C VAL A 599 5.37 -6.51 9.81
N THR A 600 6.34 -6.48 8.91
CA THR A 600 6.75 -7.70 8.20
C THR A 600 7.24 -8.73 9.22
N ALA A 601 8.05 -8.29 10.17
CA ALA A 601 8.57 -9.21 11.18
C ALA A 601 7.41 -9.86 11.93
N MET A 602 6.41 -9.05 12.28
CA MET A 602 5.27 -9.62 12.97
C MET A 602 4.48 -10.62 12.14
N LEU A 603 4.19 -10.28 10.88
CA LEU A 603 3.39 -11.17 10.03
C LEU A 603 4.13 -12.45 9.65
N VAL A 604 5.43 -12.35 9.34
CA VAL A 604 6.15 -13.58 9.02
C VAL A 604 6.23 -14.48 10.25
N GLY A 605 6.37 -13.89 11.44
CA GLY A 605 6.43 -14.70 12.65
C GLY A 605 5.12 -15.43 12.89
N LYS A 606 4.02 -14.76 12.57
CA LYS A 606 2.72 -15.37 12.71
C LYS A 606 2.61 -16.47 11.64
N ASP A 607 3.01 -16.17 10.41
CA ASP A 607 2.96 -17.15 9.32
C ASP A 607 3.80 -18.41 9.65
N LEU A 608 4.97 -18.21 10.25
CA LEU A 608 5.87 -19.32 10.60
C LEU A 608 5.48 -19.94 11.92
N LYS A 609 4.54 -19.30 12.60
CA LYS A 609 4.08 -19.76 13.90
C LYS A 609 5.19 -19.74 14.94
N VAL A 610 6.03 -18.71 14.90
CA VAL A 610 7.09 -18.58 15.88
C VAL A 610 6.60 -17.75 17.07
N ASP A 611 6.97 -18.20 18.27
CA ASP A 611 6.59 -17.57 19.53
C ASP A 611 5.19 -18.03 19.96
ZN ZN B . -3.60 0.78 -3.83
YB YB C . 3.07 -38.34 -25.24
YB YB D . 13.78 10.55 25.57
N1 IMD E . -2.77 -15.58 -11.23
C2 IMD E . -3.17 -16.82 -11.52
N3 IMD E . -3.36 -16.95 -12.87
C4 IMD E . -3.08 -15.73 -13.43
C5 IMD E . -2.71 -14.86 -12.45
C ACT F . -29.98 2.47 -3.64
O ACT F . -30.66 2.00 -2.58
OXT ACT F . -28.68 2.39 -3.85
CH3 ACT F . -30.71 3.15 -4.74
C3 HA2 G . -5.26 -1.39 5.04
C2 HA2 G . -6.66 -1.39 4.94
C1 HA2 G . -7.42 -2.54 5.18
C6 HA2 G . -6.76 -3.74 5.53
C5 HA2 G . -5.35 -3.75 5.64
C4 HA2 G . -4.60 -2.59 5.40
C7 HA2 G . -3.08 -2.65 5.54
O1 HA2 G . -2.48 -1.41 5.16
C8 HA2 G . -1.97 -1.12 3.86
C13 HA2 G . -0.76 -0.43 3.70
C12 HA2 G . -0.26 -0.16 2.41
C9 HA2 G . -2.71 -1.53 2.71
C10 HA2 G . -2.22 -1.25 1.42
C11 HA2 G . -1.00 -0.57 1.28
C14 HA2 G . -0.46 -0.32 -0.14
C15 HA2 G . -0.75 1.13 -0.62
N2 HA2 G . -2.13 1.49 -0.32
C16 HA2 G . -0.52 1.25 -2.15
N3 HA2 G . -1.01 0.05 -2.87
O2 HA2 G . -2.29 -0.33 -2.76
C17 HA2 G . -0.15 -0.68 -3.62
O3 HA2 G . 1.05 -0.36 -3.70
C18 HA2 G . -0.66 -1.90 -4.34
C19 HA2 G . 0.48 -2.66 -5.03
C20 HA2 G . 0.67 -4.02 -4.39
C21 HA2 G . 2.13 -4.47 -4.51
C22 HA2 G . 2.70 -4.82 -3.15
O5 HA2 G . 3.42 -5.83 -3.11
O4 HA2 G . 2.40 -4.08 -2.17
YB YB H . 12.41 11.30 28.81
#